data_1HKK
#
_entry.id   1HKK
#
_cell.length_a   94.858
_cell.length_b   94.858
_cell.length_c   83.483
_cell.angle_alpha   90.00
_cell.angle_beta   90.00
_cell.angle_gamma   90.00
#
_symmetry.space_group_name_H-M   'P 43 21 2'
#
loop_
_entity.id
_entity.type
_entity.pdbx_description
1 polymer CHITOTRIOSIDASE-1
2 branched 2-acetamido-2-deoxy-beta-D-allopyranose-(1-4)-2-acetamido-2-deoxy-beta-D-allopyranose
3 non-polymer ALLOSAMIZOLINE
4 non-polymer 'ZINC ION'
5 water water
#
_entity_poly.entity_id   1
_entity_poly.type   'polypeptide(L)'
_entity_poly.pdbx_seq_one_letter_code
;AKLVCYFTNWAQYRQGEARFLPKDLDPSLCTHLIYAFAGMTNHQLSTTEWNDETLYQEFNGLKKMNPKLKTLLAIGGWNF
GTQKFTDMVATANNRQTFVNSAIRFLRKYSFDGLDLDWEYPGSQGSPAVDKERFTTLVQDLANAFQQEAQTSGKERLLLS
AAVPAGQTYVDAGYEVDKIAQNLDFVNLMAYDFHGSWEKVTGHNSPLYKRQEQSGAAASLNVDAAVQQWLQKGTPASKLI
LGMPTYGRSFTLASSSDTRVGAPATGSGTPGPFTKEGGMLAYYEVCSWKGATKQRIQDQKVPYIFRDNQWVGFDDVESFK
TKVSYLKQKGLGGAMVWALDLDDFAGFSCNQGRYPLIQTLRQEL
;
_entity_poly.pdbx_strand_id   A
#
# COMPACT_ATOMS: atom_id res chain seq x y z
N ALA A 1 -4.54 -4.29 -17.57
CA ALA A 1 -4.64 -3.88 -16.15
C ALA A 1 -3.36 -4.20 -15.38
N LYS A 2 -3.06 -3.38 -14.39
CA LYS A 2 -1.88 -3.58 -13.57
C LYS A 2 -2.28 -4.24 -12.25
N LEU A 3 -1.37 -5.03 -11.69
CA LEU A 3 -1.55 -5.64 -10.38
C LEU A 3 -0.21 -5.33 -9.71
N VAL A 4 -0.23 -4.28 -8.89
CA VAL A 4 0.94 -3.78 -8.20
C VAL A 4 1.00 -4.40 -6.81
N CYS A 5 2.05 -5.16 -6.54
CA CYS A 5 2.19 -5.85 -5.25
C CYS A 5 3.44 -5.43 -4.47
N TYR A 6 3.26 -5.14 -3.20
CA TYR A 6 4.39 -4.73 -2.36
C TYR A 6 5.01 -5.88 -1.57
N PHE A 7 6.34 -5.90 -1.57
CA PHE A 7 7.18 -6.85 -0.82
C PHE A 7 7.74 -5.98 0.33
N THR A 8 7.92 -6.53 1.53
CA THR A 8 8.48 -5.71 2.60
C THR A 8 9.74 -6.41 3.08
N ASN A 9 10.81 -5.63 3.28
CA ASN A 9 12.07 -6.22 3.66
C ASN A 9 12.27 -6.51 5.13
N TRP A 10 11.19 -6.41 5.91
CA TRP A 10 11.27 -6.74 7.35
C TRP A 10 10.48 -8.02 7.60
N ALA A 11 9.78 -8.51 6.58
CA ALA A 11 9.01 -9.74 6.75
C ALA A 11 9.94 -10.93 6.92
N GLN A 12 11.19 -10.78 6.47
CA GLN A 12 12.18 -11.84 6.58
C GLN A 12 12.51 -12.13 8.05
N TYR A 13 12.03 -11.30 8.97
CA TYR A 13 12.33 -11.51 10.37
C TYR A 13 11.19 -12.12 11.18
N ARG A 14 10.06 -12.45 10.52
CA ARG A 14 8.96 -13.07 11.25
C ARG A 14 9.30 -14.52 11.52
N GLN A 15 8.70 -15.05 12.57
CA GLN A 15 8.95 -16.42 13.01
C GLN A 15 8.26 -17.51 12.18
N GLY A 16 8.86 -18.68 12.19
CA GLY A 16 8.32 -19.83 11.50
C GLY A 16 7.95 -19.67 10.05
N GLU A 17 6.79 -20.21 9.67
CA GLU A 17 6.36 -20.15 8.28
C GLU A 17 5.96 -18.75 7.81
N ALA A 18 5.89 -17.80 8.73
CA ALA A 18 5.53 -16.42 8.37
C ALA A 18 6.73 -15.68 7.78
N ARG A 19 7.94 -16.22 7.99
CA ARG A 19 9.14 -15.60 7.44
C ARG A 19 9.01 -15.48 5.91
N PHE A 20 9.29 -14.29 5.39
CA PHE A 20 9.16 -14.07 3.96
C PHE A 20 10.42 -13.45 3.35
N LEU A 21 10.95 -14.13 2.33
CA LEU A 21 12.13 -13.70 1.59
C LEU A 21 11.76 -13.68 0.11
N PRO A 22 12.65 -13.14 -0.75
CA PRO A 22 12.34 -13.11 -2.18
C PRO A 22 11.98 -14.49 -2.75
N LYS A 23 12.54 -15.56 -2.18
CA LYS A 23 12.21 -16.90 -2.69
C LYS A 23 10.73 -17.29 -2.49
N ASP A 24 10.00 -16.51 -1.71
CA ASP A 24 8.57 -16.74 -1.44
C ASP A 24 7.69 -16.01 -2.46
N LEU A 25 8.32 -15.23 -3.31
CA LEU A 25 7.62 -14.48 -4.35
C LEU A 25 7.32 -15.31 -5.59
N ASP A 26 6.12 -15.10 -6.15
CA ASP A 26 5.72 -15.77 -7.39
C ASP A 26 5.84 -14.64 -8.42
N PRO A 27 6.85 -14.74 -9.32
CA PRO A 27 7.13 -13.75 -10.38
C PRO A 27 6.03 -13.52 -11.39
N SER A 28 5.10 -14.47 -11.50
CA SER A 28 4.00 -14.39 -12.46
C SER A 28 2.71 -13.82 -11.86
N LEU A 29 2.67 -13.73 -10.53
CA LEU A 29 1.48 -13.27 -9.85
C LEU A 29 1.02 -11.84 -10.14
N CYS A 30 1.97 -10.90 -10.13
CA CYS A 30 1.69 -9.49 -10.32
C CYS A 30 2.36 -8.92 -11.58
N THR A 31 1.99 -7.71 -11.98
CA THR A 31 2.60 -7.07 -13.14
C THR A 31 3.75 -6.18 -12.68
N HIS A 32 3.63 -5.66 -11.47
CA HIS A 32 4.64 -4.77 -10.89
C HIS A 32 4.90 -5.20 -9.45
N LEU A 33 6.17 -5.36 -9.10
CA LEU A 33 6.52 -5.73 -7.74
C LEU A 33 7.27 -4.54 -7.17
N ILE A 34 6.84 -4.07 -6.00
CA ILE A 34 7.49 -2.92 -5.38
C ILE A 34 8.09 -3.31 -4.05
N TYR A 35 9.37 -2.98 -3.92
CA TYR A 35 10.17 -3.29 -2.74
C TYR A 35 10.10 -2.20 -1.67
N ALA A 36 9.50 -2.52 -0.53
CA ALA A 36 9.41 -1.55 0.57
C ALA A 36 10.36 -2.01 1.70
N PHE A 37 11.22 -1.13 2.23
CA PHE A 37 11.41 0.28 1.83
C PHE A 37 12.92 0.63 1.80
N ALA A 38 13.27 1.62 1.01
CA ALA A 38 14.63 2.16 0.99
C ALA A 38 14.49 3.39 1.91
N GLY A 39 15.61 3.90 2.38
CA GLY A 39 15.57 5.10 3.21
C GLY A 39 16.36 6.20 2.52
N MET A 40 16.82 7.18 3.30
CA MET A 40 17.58 8.29 2.74
C MET A 40 18.69 8.68 3.72
N THR A 41 19.86 8.96 3.18
CA THR A 41 21.01 9.39 3.98
C THR A 41 21.73 10.42 3.14
N ASN A 42 22.04 11.56 3.74
CA ASN A 42 22.71 12.64 3.03
C ASN A 42 22.05 12.91 1.66
N HIS A 43 20.73 12.98 1.67
CA HIS A 43 19.92 13.27 0.50
C HIS A 43 20.00 12.23 -0.59
N GLN A 44 20.47 11.04 -0.25
CA GLN A 44 20.62 9.97 -1.22
C GLN A 44 19.88 8.70 -0.82
N LEU A 45 19.37 8.01 -1.82
CA LEU A 45 18.65 6.75 -1.60
C LEU A 45 19.60 5.78 -0.90
N SER A 46 19.14 5.10 0.14
CA SER A 46 20.00 4.14 0.83
C SER A 46 19.25 2.88 1.26
N THR A 47 20.00 1.86 1.61
CA THR A 47 19.42 0.60 2.07
C THR A 47 18.96 0.75 3.52
N THR A 48 18.17 -0.21 4.00
CA THR A 48 17.69 -0.17 5.39
C THR A 48 17.96 -1.47 6.14
N GLU A 49 18.24 -2.56 5.43
CA GLU A 49 18.53 -3.84 6.06
C GLU A 49 19.91 -4.33 5.66
N TRP A 50 20.53 -5.10 6.54
CA TRP A 50 21.89 -5.63 6.31
C TRP A 50 22.05 -6.39 4.99
N ASN A 51 21.03 -7.11 4.57
CA ASN A 51 21.11 -7.87 3.34
C ASN A 51 20.38 -7.29 2.13
N ASP A 52 19.99 -6.02 2.19
CA ASP A 52 19.28 -5.42 1.06
C ASP A 52 19.98 -5.59 -0.29
N GLU A 53 21.31 -5.49 -0.33
CA GLU A 53 21.98 -5.63 -1.62
C GLU A 53 21.77 -7.02 -2.23
N THR A 54 21.74 -8.04 -1.38
CA THR A 54 21.50 -9.39 -1.87
C THR A 54 20.01 -9.55 -2.20
N LEU A 55 19.13 -9.05 -1.34
CA LEU A 55 17.69 -9.15 -1.58
C LEU A 55 17.31 -8.40 -2.86
N TYR A 56 17.93 -7.25 -3.09
CA TYR A 56 17.65 -6.50 -4.32
C TYR A 56 17.98 -7.36 -5.54
N GLN A 57 19.12 -8.03 -5.51
CA GLN A 57 19.52 -8.87 -6.63
C GLN A 57 18.60 -10.07 -6.80
N GLU A 58 18.15 -10.64 -5.70
CA GLU A 58 17.23 -11.77 -5.77
C GLU A 58 15.86 -11.33 -6.30
N PHE A 59 15.40 -10.18 -5.80
CA PHE A 59 14.12 -9.57 -6.14
C PHE A 59 14.10 -9.24 -7.63
N ASN A 60 15.08 -8.46 -8.08
CA ASN A 60 15.14 -8.11 -9.49
C ASN A 60 15.51 -9.33 -10.35
N GLY A 61 16.18 -10.30 -9.74
CA GLY A 61 16.54 -11.52 -10.46
C GLY A 61 15.28 -12.29 -10.89
N LEU A 62 14.14 -11.98 -10.29
CA LEU A 62 12.90 -12.66 -10.66
C LEU A 62 12.55 -12.36 -12.12
N LYS A 63 13.08 -11.26 -12.64
CA LYS A 63 12.83 -10.88 -14.02
C LYS A 63 13.50 -11.84 -15.01
N LYS A 64 14.37 -12.71 -14.52
CA LYS A 64 15.00 -13.68 -15.40
C LYS A 64 13.99 -14.81 -15.64
N MET A 65 12.99 -14.93 -14.78
CA MET A 65 11.94 -15.94 -14.93
C MET A 65 10.72 -15.33 -15.65
N ASN A 66 10.53 -14.02 -15.45
CA ASN A 66 9.42 -13.28 -16.06
C ASN A 66 9.91 -11.88 -16.46
N PRO A 67 10.44 -11.76 -17.69
CA PRO A 67 10.96 -10.50 -18.23
C PRO A 67 9.90 -9.42 -18.42
N LYS A 68 8.63 -9.78 -18.32
CA LYS A 68 7.58 -8.78 -18.48
C LYS A 68 7.33 -8.06 -17.16
N LEU A 69 7.79 -8.65 -16.07
CA LEU A 69 7.62 -8.08 -14.74
C LEU A 69 8.43 -6.79 -14.58
N LYS A 70 7.80 -5.78 -13.98
CA LYS A 70 8.47 -4.51 -13.71
C LYS A 70 8.69 -4.44 -12.21
N THR A 71 9.84 -3.94 -11.78
CA THR A 71 10.10 -3.86 -10.35
C THR A 71 10.38 -2.40 -9.99
N LEU A 72 9.95 -2.02 -8.79
CA LEU A 72 10.21 -0.67 -8.34
C LEU A 72 10.70 -0.74 -6.90
N LEU A 73 11.39 0.32 -6.49
CA LEU A 73 11.87 0.38 -5.11
C LEU A 73 11.09 1.53 -4.48
N ALA A 74 10.46 1.29 -3.33
CA ALA A 74 9.70 2.34 -2.65
C ALA A 74 10.54 3.04 -1.59
N ILE A 75 10.46 4.36 -1.53
CA ILE A 75 11.19 5.08 -0.48
C ILE A 75 10.20 5.75 0.47
N GLY A 76 10.46 5.62 1.77
CA GLY A 76 9.60 6.24 2.75
C GLY A 76 8.83 5.29 3.63
N GLY A 77 7.52 5.48 3.66
CA GLY A 77 6.66 4.67 4.49
C GLY A 77 6.20 5.45 5.71
N TRP A 78 5.19 4.92 6.38
CA TRP A 78 4.61 5.54 7.56
C TRP A 78 5.63 5.85 8.64
N ASN A 79 6.44 4.86 9.01
CA ASN A 79 7.43 5.09 10.07
C ASN A 79 8.60 5.97 9.71
N PHE A 80 8.78 6.24 8.43
CA PHE A 80 9.91 7.05 7.96
C PHE A 80 9.73 8.52 8.35
N GLY A 81 8.49 8.97 8.47
CA GLY A 81 8.24 10.36 8.83
C GLY A 81 8.32 11.30 7.63
N THR A 82 8.47 12.60 7.91
CA THR A 82 8.52 13.60 6.84
C THR A 82 9.77 14.47 6.77
N GLN A 83 10.50 14.60 7.88
CA GLN A 83 11.68 15.45 7.96
C GLN A 83 12.66 15.25 6.84
N LYS A 84 13.03 14.00 6.56
CA LYS A 84 13.99 13.74 5.49
C LYS A 84 13.49 14.16 4.11
N PHE A 85 12.17 14.04 3.86
CA PHE A 85 11.64 14.45 2.56
C PHE A 85 11.62 15.98 2.48
N THR A 86 11.06 16.62 3.50
CA THR A 86 10.99 18.08 3.55
C THR A 86 12.36 18.69 3.29
N ASP A 87 13.35 18.19 4.00
CA ASP A 87 14.73 18.65 3.89
C ASP A 87 15.32 18.40 2.50
N MET A 88 15.00 17.24 1.95
CA MET A 88 15.52 16.88 0.63
C MET A 88 14.93 17.71 -0.51
N VAL A 89 13.63 18.01 -0.45
CA VAL A 89 13.01 18.76 -1.53
C VAL A 89 13.15 20.27 -1.40
N ALA A 90 13.70 20.75 -0.28
CA ALA A 90 13.81 22.17 -0.03
C ALA A 90 14.78 22.98 -0.91
N THR A 91 15.83 22.35 -1.43
CA THR A 91 16.79 23.06 -2.29
C THR A 91 17.08 22.33 -3.59
N ALA A 92 17.39 23.09 -4.63
CA ALA A 92 17.72 22.51 -5.91
C ALA A 92 18.91 21.54 -5.78
N ASN A 93 19.88 21.89 -4.95
CA ASN A 93 21.06 21.03 -4.78
C ASN A 93 20.71 19.67 -4.13
N ASN A 94 19.85 19.71 -3.12
CA ASN A 94 19.44 18.48 -2.44
C ASN A 94 18.62 17.61 -3.41
N ARG A 95 17.68 18.22 -4.13
CA ARG A 95 16.85 17.50 -5.10
C ARG A 95 17.73 16.88 -6.19
N GLN A 96 18.71 17.62 -6.66
CA GLN A 96 19.62 17.12 -7.69
C GLN A 96 20.41 15.92 -7.19
N THR A 97 20.92 16.03 -5.96
CA THR A 97 21.67 14.95 -5.37
C THR A 97 20.78 13.70 -5.22
N PHE A 98 19.55 13.89 -4.78
CA PHE A 98 18.65 12.76 -4.57
C PHE A 98 18.29 12.11 -5.92
N VAL A 99 17.90 12.92 -6.89
CA VAL A 99 17.53 12.41 -8.20
C VAL A 99 18.67 11.65 -8.85
N ASN A 100 19.88 12.21 -8.84
CA ASN A 100 21.00 11.51 -9.43
C ASN A 100 21.33 10.22 -8.68
N SER A 101 21.18 10.24 -7.36
CA SER A 101 21.44 9.03 -6.61
C SER A 101 20.36 7.98 -6.94
N ALA A 102 19.11 8.42 -7.11
CA ALA A 102 18.05 7.47 -7.44
C ALA A 102 18.36 6.75 -8.75
N ILE A 103 18.76 7.50 -9.77
CA ILE A 103 19.10 6.88 -11.05
C ILE A 103 20.24 5.89 -10.88
N ARG A 104 21.30 6.30 -10.22
CA ARG A 104 22.42 5.38 -10.07
C ARG A 104 22.10 4.14 -9.26
N PHE A 105 21.37 4.33 -8.18
CA PHE A 105 20.97 3.24 -7.28
C PHE A 105 20.05 2.25 -8.00
N LEU A 106 19.03 2.75 -8.66
CA LEU A 106 18.09 1.90 -9.38
C LEU A 106 18.77 1.12 -10.51
N ARG A 107 19.67 1.77 -11.24
CA ARG A 107 20.36 1.08 -12.34
C ARG A 107 21.34 0.05 -11.80
N LYS A 108 22.03 0.40 -10.72
CA LYS A 108 22.99 -0.50 -10.12
C LYS A 108 22.39 -1.85 -9.73
N TYR A 109 21.19 -1.81 -9.13
CA TYR A 109 20.54 -3.04 -8.68
C TYR A 109 19.48 -3.63 -9.60
N SER A 110 19.31 -3.03 -10.77
CA SER A 110 18.34 -3.49 -11.75
C SER A 110 16.88 -3.30 -11.38
N PHE A 111 16.56 -2.15 -10.79
CA PHE A 111 15.16 -1.83 -10.50
C PHE A 111 14.66 -1.10 -11.74
N ASP A 112 13.37 -1.16 -12.00
CA ASP A 112 12.80 -0.48 -13.16
C ASP A 112 12.15 0.84 -12.82
N GLY A 113 12.18 1.22 -11.55
CA GLY A 113 11.56 2.47 -11.17
C GLY A 113 11.59 2.79 -9.70
N LEU A 114 11.02 3.93 -9.36
CA LEU A 114 10.95 4.43 -7.99
C LEU A 114 9.50 4.72 -7.58
N ASP A 115 9.10 4.28 -6.38
CA ASP A 115 7.76 4.52 -5.86
C ASP A 115 7.96 5.47 -4.68
N LEU A 116 7.34 6.63 -4.75
CA LEU A 116 7.46 7.62 -3.68
C LEU A 116 6.40 7.36 -2.62
N ASP A 117 6.81 7.14 -1.37
CA ASP A 117 5.84 6.92 -0.29
C ASP A 117 6.11 7.90 0.86
N TRP A 118 6.00 9.19 0.54
CA TRP A 118 6.17 10.26 1.53
C TRP A 118 4.85 10.33 2.28
N GLU A 119 4.85 10.09 3.59
CA GLU A 119 3.61 10.14 4.35
C GLU A 119 3.68 11.18 5.48
N TYR A 120 3.28 12.43 5.21
CA TYR A 120 2.74 12.90 3.91
C TYR A 120 3.14 14.35 3.73
N PRO A 121 3.21 14.83 2.48
CA PRO A 121 3.58 16.23 2.35
C PRO A 121 2.40 17.07 2.89
N GLY A 122 2.71 18.14 3.60
CA GLY A 122 1.65 18.99 4.12
C GLY A 122 0.98 18.52 5.40
N SER A 123 1.47 17.41 5.97
CA SER A 123 0.91 16.92 7.24
C SER A 123 1.97 16.14 7.99
N GLN A 124 1.59 15.56 9.12
CA GLN A 124 2.54 14.79 9.92
C GLN A 124 3.82 15.60 10.20
N GLY A 125 3.66 16.90 10.39
CA GLY A 125 4.81 17.75 10.67
C GLY A 125 5.41 18.48 9.48
N SER A 126 5.01 18.08 8.27
CA SER A 126 5.51 18.71 7.05
C SER A 126 4.70 19.99 6.79
N PRO A 127 5.37 21.10 6.47
CA PRO A 127 4.72 22.39 6.19
C PRO A 127 3.80 22.38 4.96
N ALA A 128 2.85 23.31 4.91
CA ALA A 128 1.91 23.41 3.81
C ALA A 128 2.57 23.64 2.46
N VAL A 129 3.76 24.22 2.48
CA VAL A 129 4.47 24.49 1.23
C VAL A 129 4.95 23.20 0.56
N ASP A 130 5.04 22.11 1.32
CA ASP A 130 5.49 20.85 0.75
C ASP A 130 4.53 20.31 -0.30
N LYS A 131 3.31 20.82 -0.32
CA LYS A 131 2.34 20.38 -1.33
C LYS A 131 2.96 20.76 -2.67
N GLU A 132 3.48 21.99 -2.76
CA GLU A 132 4.08 22.43 -4.00
C GLU A 132 5.47 21.85 -4.23
N ARG A 133 6.22 21.60 -3.15
CA ARG A 133 7.54 21.02 -3.32
C ARG A 133 7.46 19.54 -3.72
N PHE A 134 6.37 18.89 -3.35
CA PHE A 134 6.20 17.49 -3.71
C PHE A 134 6.04 17.46 -5.24
N THR A 135 5.29 18.43 -5.77
CA THR A 135 5.10 18.51 -7.22
C THR A 135 6.45 18.71 -7.93
N THR A 136 7.28 19.60 -7.40
CA THR A 136 8.59 19.85 -7.99
C THR A 136 9.46 18.58 -7.97
N LEU A 137 9.38 17.82 -6.87
CA LEU A 137 10.16 16.59 -6.77
C LEU A 137 9.71 15.59 -7.85
N VAL A 138 8.39 15.42 -8.00
CA VAL A 138 7.84 14.51 -9.01
C VAL A 138 8.29 14.94 -10.42
N GLN A 139 8.24 16.24 -10.69
CA GLN A 139 8.65 16.74 -12.00
C GLN A 139 10.14 16.52 -12.22
N ASP A 140 10.95 16.80 -11.19
CA ASP A 140 12.39 16.62 -11.31
C ASP A 140 12.74 15.17 -11.61
N LEU A 141 12.12 14.25 -10.87
CA LEU A 141 12.36 12.83 -11.09
C LEU A 141 11.90 12.39 -12.49
N ALA A 142 10.67 12.75 -12.87
CA ALA A 142 10.16 12.39 -14.20
C ALA A 142 11.07 12.89 -15.32
N ASN A 143 11.51 14.16 -15.20
CA ASN A 143 12.41 14.76 -16.18
C ASN A 143 13.76 14.05 -16.22
N ALA A 144 14.34 13.80 -15.05
CA ALA A 144 15.63 13.16 -15.01
C ALA A 144 15.53 11.72 -15.52
N PHE A 145 14.44 11.03 -15.21
CA PHE A 145 14.29 9.65 -15.70
C PHE A 145 14.13 9.66 -17.22
N GLN A 146 13.37 10.62 -17.72
CA GLN A 146 13.16 10.70 -19.17
C GLN A 146 14.51 10.92 -19.89
N GLN A 147 15.29 11.88 -19.40
CA GLN A 147 16.58 12.17 -20.04
C GLN A 147 17.60 11.04 -19.92
N GLU A 148 17.61 10.35 -18.78
CA GLU A 148 18.56 9.26 -18.57
C GLU A 148 18.30 8.07 -19.51
N ALA A 149 17.04 7.81 -19.83
CA ALA A 149 16.69 6.71 -20.73
C ALA A 149 17.24 7.04 -22.13
N GLN A 150 17.17 8.32 -22.48
CA GLN A 150 17.63 8.76 -23.78
C GLN A 150 19.17 8.69 -23.88
N THR A 151 19.86 9.06 -22.82
CA THR A 151 21.32 9.01 -22.85
C THR A 151 21.88 7.61 -22.67
N SER A 152 21.17 6.77 -21.92
CA SER A 152 21.66 5.41 -21.68
C SER A 152 21.15 4.35 -22.65
N GLY A 153 20.05 4.64 -23.32
CA GLY A 153 19.51 3.68 -24.26
C GLY A 153 18.74 2.58 -23.56
N LYS A 154 18.53 2.71 -22.25
CA LYS A 154 17.79 1.70 -21.49
C LYS A 154 16.31 2.05 -21.36
N GLU A 155 15.49 1.10 -20.91
CA GLU A 155 14.06 1.36 -20.72
C GLU A 155 13.94 2.48 -19.69
N ARG A 156 13.04 3.43 -19.95
CA ARG A 156 12.86 4.53 -19.03
C ARG A 156 12.41 4.07 -17.65
N LEU A 157 13.07 4.59 -16.61
CA LEU A 157 12.73 4.27 -15.23
C LEU A 157 11.31 4.77 -14.94
N LEU A 158 10.52 3.97 -14.22
CA LEU A 158 9.16 4.36 -13.88
C LEU A 158 9.09 5.17 -12.60
N LEU A 159 8.04 5.99 -12.47
CA LEU A 159 7.83 6.78 -11.26
C LEU A 159 6.39 6.65 -10.82
N SER A 160 6.21 6.15 -9.61
CA SER A 160 4.86 6.03 -9.07
C SER A 160 4.92 6.63 -7.68
N ALA A 161 3.75 6.77 -7.06
CA ALA A 161 3.66 7.31 -5.72
C ALA A 161 2.48 6.66 -4.99
N ALA A 162 2.66 6.34 -3.71
CA ALA A 162 1.56 5.80 -2.91
C ALA A 162 0.94 7.06 -2.32
N VAL A 163 -0.38 7.18 -2.41
CA VAL A 163 -1.06 8.37 -1.93
C VAL A 163 -2.19 8.05 -0.98
N PRO A 164 -2.51 8.98 -0.05
CA PRO A 164 -3.58 8.79 0.93
C PRO A 164 -4.99 8.90 0.38
N ALA A 165 -5.92 8.26 1.07
CA ALA A 165 -7.31 8.26 0.69
C ALA A 165 -8.08 9.35 1.46
N GLY A 166 -7.56 9.75 2.61
CA GLY A 166 -8.23 10.77 3.42
C GLY A 166 -8.29 12.15 2.78
N GLN A 167 -9.51 12.63 2.54
CA GLN A 167 -9.72 13.93 1.91
C GLN A 167 -8.87 15.05 2.49
N THR A 168 -8.71 15.05 3.80
CA THR A 168 -7.92 16.09 4.47
C THR A 168 -6.44 16.04 4.09
N TYR A 169 -5.91 14.83 3.95
CA TYR A 169 -4.51 14.67 3.60
C TYR A 169 -4.26 14.94 2.11
N VAL A 170 -5.24 14.60 1.28
CA VAL A 170 -5.10 14.84 -0.14
C VAL A 170 -5.04 16.35 -0.39
N ASP A 171 -6.01 17.07 0.18
CA ASP A 171 -6.05 18.51 0.00
C ASP A 171 -4.83 19.21 0.56
N ALA A 172 -4.28 18.69 1.66
CA ALA A 172 -3.12 19.31 2.28
C ALA A 172 -1.78 19.10 1.58
N GLY A 173 -1.60 17.99 0.88
CA GLY A 173 -0.31 17.79 0.27
C GLY A 173 -0.19 17.53 -1.22
N TYR A 174 -1.31 17.39 -1.94
CA TYR A 174 -1.22 17.05 -3.35
C TYR A 174 -1.92 17.88 -4.41
N GLU A 175 -1.15 18.37 -5.36
CA GLU A 175 -1.72 19.10 -6.48
C GLU A 175 -1.95 17.91 -7.41
N VAL A 176 -3.06 17.22 -7.16
CA VAL A 176 -3.41 16.01 -7.88
C VAL A 176 -3.24 16.08 -9.40
N ASP A 177 -3.83 17.09 -10.01
CA ASP A 177 -3.75 17.24 -11.47
C ASP A 177 -2.32 17.29 -11.99
N LYS A 178 -1.47 18.06 -11.31
CA LYS A 178 -0.07 18.19 -11.71
C LYS A 178 0.74 16.90 -11.57
N ILE A 179 0.72 16.30 -10.39
CA ILE A 179 1.50 15.08 -10.18
C ILE A 179 1.00 13.95 -11.05
N ALA A 180 -0.31 13.85 -11.27
CA ALA A 180 -0.86 12.79 -12.09
C ALA A 180 -0.28 12.82 -13.50
N GLN A 181 0.06 14.01 -13.99
CA GLN A 181 0.64 14.13 -15.33
C GLN A 181 2.06 13.56 -15.43
N ASN A 182 2.80 13.57 -14.32
CA ASN A 182 4.18 13.10 -14.34
C ASN A 182 4.43 11.72 -13.73
N LEU A 183 3.42 11.18 -13.05
CA LEU A 183 3.55 9.85 -12.45
C LEU A 183 3.09 8.82 -13.47
N ASP A 184 3.76 7.67 -13.51
CA ASP A 184 3.36 6.60 -14.41
C ASP A 184 2.08 5.98 -13.89
N PHE A 185 1.97 5.89 -12.56
CA PHE A 185 0.75 5.40 -11.90
C PHE A 185 0.70 5.86 -10.46
N VAL A 186 -0.51 5.89 -9.91
CA VAL A 186 -0.79 6.33 -8.56
C VAL A 186 -1.34 5.17 -7.75
N ASN A 187 -0.63 4.80 -6.69
CA ASN A 187 -1.06 3.72 -5.82
C ASN A 187 -1.88 4.28 -4.66
N LEU A 188 -3.19 4.23 -4.82
CA LEU A 188 -4.11 4.76 -3.84
C LEU A 188 -4.25 3.86 -2.63
N MET A 189 -3.83 4.36 -1.48
CA MET A 189 -3.91 3.56 -0.25
C MET A 189 -5.32 3.66 0.35
N ALA A 190 -6.24 2.91 -0.27
CA ALA A 190 -7.64 2.88 0.13
C ALA A 190 -7.89 1.87 1.24
N TYR A 191 -7.29 2.13 2.39
CA TYR A 191 -7.44 1.28 3.57
C TYR A 191 -6.99 2.10 4.78
N ASP A 192 -7.01 1.51 5.96
CA ASP A 192 -6.70 2.21 7.20
C ASP A 192 -7.78 3.30 7.42
N PHE A 193 -8.98 3.06 6.90
CA PHE A 193 -10.09 4.03 7.04
C PHE A 193 -10.57 4.13 8.49
N HIS A 194 -10.55 3.00 9.18
CA HIS A 194 -10.96 2.90 10.58
C HIS A 194 -9.92 2.00 11.24
N GLY A 195 -9.76 2.14 12.56
CA GLY A 195 -8.81 1.32 13.27
C GLY A 195 -8.92 1.48 14.77
N SER A 196 -8.06 0.75 15.49
CA SER A 196 -8.07 0.74 16.96
C SER A 196 -7.73 2.05 17.64
N TRP A 197 -7.45 3.09 16.86
CA TRP A 197 -7.17 4.39 17.45
C TRP A 197 -8.51 5.05 17.78
N GLU A 198 -9.59 4.39 17.39
CA GLU A 198 -10.94 4.89 17.62
C GLU A 198 -11.60 4.10 18.75
N LYS A 199 -12.65 4.67 19.35
CA LYS A 199 -13.33 4.01 20.46
C LYS A 199 -14.48 3.11 20.04
N VAL A 200 -14.59 2.89 18.75
CA VAL A 200 -15.65 2.06 18.20
C VAL A 200 -15.07 1.16 17.09
N THR A 201 -15.71 0.03 16.81
CA THR A 201 -15.21 -0.84 15.74
C THR A 201 -15.56 -0.20 14.39
N GLY A 202 -14.73 -0.48 13.39
CA GLY A 202 -14.90 0.07 12.06
C GLY A 202 -14.03 -0.75 11.14
N HIS A 203 -14.45 -0.91 9.89
CA HIS A 203 -13.70 -1.71 8.94
C HIS A 203 -12.50 -0.98 8.34
N ASN A 204 -11.39 -1.70 8.26
CA ASN A 204 -10.15 -1.18 7.71
C ASN A 204 -10.31 -0.66 6.28
N SER A 205 -11.09 -1.36 5.47
CA SER A 205 -11.22 -0.98 4.06
C SER A 205 -12.60 -1.21 3.44
N PRO A 206 -13.62 -0.46 3.92
CA PRO A 206 -14.98 -0.61 3.38
C PRO A 206 -15.11 -0.04 1.97
N LEU A 207 -15.83 -0.73 1.10
CA LEU A 207 -16.04 -0.26 -0.26
C LEU A 207 -16.96 0.98 -0.31
N TYR A 208 -18.00 0.98 0.51
CA TYR A 208 -18.95 2.10 0.58
C TYR A 208 -19.18 2.53 2.02
N LYS A 209 -19.82 3.68 2.19
CA LYS A 209 -20.10 4.16 3.54
C LYS A 209 -21.26 3.36 4.13
N ARG A 210 -21.45 3.47 5.44
CA ARG A 210 -22.57 2.80 6.11
C ARG A 210 -23.70 3.81 5.97
N GLN A 211 -24.95 3.36 5.90
CA GLN A 211 -26.06 4.30 5.78
C GLN A 211 -25.99 5.28 6.93
N GLU A 212 -25.58 4.77 8.09
CA GLU A 212 -25.46 5.54 9.33
C GLU A 212 -24.38 6.64 9.34
N GLN A 213 -23.53 6.69 8.33
CA GLN A 213 -22.47 7.70 8.28
C GLN A 213 -22.82 8.91 7.43
N SER A 214 -22.36 10.08 7.88
CA SER A 214 -22.61 11.33 7.16
C SER A 214 -21.47 12.30 7.42
N GLY A 215 -21.46 13.41 6.68
CA GLY A 215 -20.41 14.39 6.86
C GLY A 215 -19.07 13.82 6.46
N ALA A 216 -18.02 14.24 7.15
CA ALA A 216 -16.67 13.76 6.85
C ALA A 216 -16.56 12.24 6.89
N ALA A 217 -17.27 11.60 7.81
CA ALA A 217 -17.22 10.16 7.95
C ALA A 217 -17.76 9.45 6.71
N ALA A 218 -18.58 10.15 5.94
CA ALA A 218 -19.16 9.56 4.74
C ALA A 218 -18.11 9.38 3.66
N SER A 219 -16.94 9.97 3.85
CA SER A 219 -15.88 9.85 2.86
C SER A 219 -14.81 8.82 3.27
N LEU A 220 -15.05 8.10 4.36
CA LEU A 220 -14.09 7.10 4.82
C LEU A 220 -14.37 5.72 4.23
N ASN A 221 -14.30 5.65 2.91
CA ASN A 221 -14.53 4.39 2.21
C ASN A 221 -13.84 4.45 0.84
N VAL A 222 -13.63 3.29 0.25
CA VAL A 222 -12.95 3.17 -1.04
C VAL A 222 -13.53 4.04 -2.15
N ASP A 223 -14.84 3.95 -2.32
CA ASP A 223 -15.53 4.71 -3.37
C ASP A 223 -15.28 6.21 -3.24
N ALA A 224 -15.40 6.75 -2.03
CA ALA A 224 -15.17 8.17 -1.83
C ALA A 224 -13.73 8.55 -2.17
N ALA A 225 -12.77 7.72 -1.74
CA ALA A 225 -11.35 8.01 -2.03
C ALA A 225 -11.09 8.05 -3.53
N VAL A 226 -11.63 7.06 -4.24
CA VAL A 226 -11.48 6.97 -5.68
C VAL A 226 -12.09 8.18 -6.39
N GLN A 227 -13.31 8.52 -6.02
CA GLN A 227 -13.98 9.66 -6.65
C GLN A 227 -13.17 10.94 -6.48
N GLN A 228 -12.57 11.09 -5.29
CA GLN A 228 -11.77 12.26 -4.98
C GLN A 228 -10.56 12.38 -5.91
N TRP A 229 -9.79 11.29 -6.06
CA TRP A 229 -8.61 11.33 -6.91
C TRP A 229 -8.95 11.50 -8.40
N LEU A 230 -10.06 10.93 -8.83
CA LEU A 230 -10.49 11.06 -10.22
C LEU A 230 -10.98 12.49 -10.45
N GLN A 231 -11.91 12.95 -9.61
CA GLN A 231 -12.45 14.29 -9.75
C GLN A 231 -11.38 15.38 -9.67
N LYS A 232 -10.32 15.13 -8.90
CA LYS A 232 -9.24 16.11 -8.79
C LYS A 232 -8.25 16.09 -9.95
N GLY A 233 -8.42 15.16 -10.89
CA GLY A 233 -7.52 15.17 -12.03
C GLY A 233 -6.74 13.91 -12.40
N THR A 234 -6.88 12.84 -11.63
CA THR A 234 -6.13 11.62 -11.98
C THR A 234 -6.81 10.83 -13.09
N PRO A 235 -6.11 10.61 -14.23
CA PRO A 235 -6.73 9.83 -15.30
C PRO A 235 -7.09 8.48 -14.67
N ALA A 236 -8.25 7.92 -15.01
CA ALA A 236 -8.65 6.65 -14.42
C ALA A 236 -7.59 5.55 -14.63
N SER A 237 -7.01 5.49 -15.81
CA SER A 237 -6.02 4.46 -16.13
C SER A 237 -4.73 4.52 -15.32
N LYS A 238 -4.50 5.64 -14.64
CA LYS A 238 -3.30 5.78 -13.80
C LYS A 238 -3.62 5.53 -12.33
N LEU A 239 -4.90 5.47 -11.99
CA LEU A 239 -5.28 5.25 -10.61
C LEU A 239 -5.38 3.76 -10.33
N ILE A 240 -4.53 3.32 -9.40
CA ILE A 240 -4.47 1.91 -9.04
C ILE A 240 -5.08 1.75 -7.65
N LEU A 241 -6.15 0.96 -7.57
CA LEU A 241 -6.84 0.77 -6.31
C LEU A 241 -6.15 -0.15 -5.32
N GLY A 242 -5.60 0.44 -4.26
CA GLY A 242 -4.93 -0.35 -3.25
C GLY A 242 -5.92 -1.13 -2.40
N MET A 243 -5.51 -2.33 -2.00
CA MET A 243 -6.32 -3.22 -1.21
C MET A 243 -5.42 -3.89 -0.19
N PRO A 244 -5.94 -4.11 1.01
CA PRO A 244 -5.16 -4.74 2.08
C PRO A 244 -5.30 -6.24 2.23
N THR A 245 -4.19 -6.92 2.50
CA THR A 245 -4.26 -8.34 2.76
C THR A 245 -4.12 -8.50 4.28
N TYR A 246 -4.43 -7.43 5.00
CA TYR A 246 -4.41 -7.45 6.47
C TYR A 246 -5.73 -6.83 6.92
N GLY A 247 -6.08 -7.03 8.18
CA GLY A 247 -7.29 -6.43 8.73
C GLY A 247 -6.91 -5.63 9.96
N ARG A 248 -7.85 -4.85 10.49
CA ARG A 248 -7.58 -4.10 11.70
C ARG A 248 -8.50 -4.66 12.79
N SER A 249 -7.91 -4.92 13.94
CA SER A 249 -8.58 -5.55 15.08
C SER A 249 -8.85 -4.66 16.28
N PHE A 250 -9.83 -5.09 17.07
CA PHE A 250 -10.24 -4.36 18.26
C PHE A 250 -10.58 -5.31 19.39
N THR A 251 -10.49 -4.80 20.60
CA THR A 251 -10.94 -5.56 21.76
C THR A 251 -12.28 -4.89 22.03
N LEU A 252 -13.35 -5.67 22.06
CA LEU A 252 -14.69 -5.14 22.30
C LEU A 252 -14.94 -4.85 23.77
N ALA A 253 -15.71 -3.81 24.06
CA ALA A 253 -16.03 -3.49 25.45
C ALA A 253 -16.88 -4.65 25.99
N SER A 254 -17.65 -5.28 25.12
CA SER A 254 -18.50 -6.39 25.50
C SER A 254 -18.66 -7.45 24.41
N SER A 255 -18.49 -8.71 24.77
CA SER A 255 -18.61 -9.78 23.79
C SER A 255 -20.05 -9.93 23.30
N SER A 256 -20.97 -9.17 23.92
CA SER A 256 -22.38 -9.22 23.55
C SER A 256 -22.73 -8.17 22.50
N ASP A 257 -21.86 -7.18 22.34
CA ASP A 257 -22.07 -6.10 21.38
C ASP A 257 -20.96 -6.24 20.32
N THR A 258 -21.29 -6.93 19.24
CA THR A 258 -20.32 -7.23 18.18
C THR A 258 -20.54 -6.59 16.82
N ARG A 259 -21.41 -5.59 16.73
CA ARG A 259 -21.69 -4.97 15.44
C ARG A 259 -20.59 -3.98 15.00
N VAL A 260 -20.62 -3.58 13.73
CA VAL A 260 -19.65 -2.59 13.28
C VAL A 260 -20.17 -1.33 13.97
N GLY A 261 -19.29 -0.62 14.68
CA GLY A 261 -19.72 0.56 15.39
C GLY A 261 -19.90 0.30 16.88
N ALA A 262 -19.76 -0.96 17.29
CA ALA A 262 -19.89 -1.31 18.69
C ALA A 262 -18.73 -0.70 19.49
N PRO A 263 -18.94 -0.43 20.79
CA PRO A 263 -17.88 0.16 21.62
C PRO A 263 -16.64 -0.73 21.69
N ALA A 264 -15.47 -0.10 21.67
CA ALA A 264 -14.22 -0.83 21.72
C ALA A 264 -13.32 -0.25 22.80
N THR A 265 -12.54 -1.11 23.44
CA THR A 265 -11.65 -0.67 24.51
C THR A 265 -10.20 -0.51 24.10
N GLY A 266 -9.87 -0.85 22.85
CA GLY A 266 -8.51 -0.72 22.39
C GLY A 266 -8.20 -1.68 21.26
N SER A 267 -6.91 -1.83 20.94
CA SER A 267 -6.49 -2.74 19.87
C SER A 267 -6.84 -4.19 20.20
N GLY A 268 -6.97 -4.99 19.15
CA GLY A 268 -7.21 -6.41 19.35
C GLY A 268 -5.84 -6.99 19.71
N THR A 269 -5.83 -8.20 20.25
CA THR A 269 -4.61 -8.91 20.63
C THR A 269 -3.68 -9.00 19.42
N PRO A 270 -2.36 -8.83 19.63
CA PRO A 270 -1.42 -8.91 18.50
C PRO A 270 -1.44 -10.29 17.86
N GLY A 271 -1.17 -10.34 16.56
CA GLY A 271 -1.12 -11.62 15.87
C GLY A 271 0.13 -12.37 16.34
N PRO A 272 0.09 -13.70 16.38
CA PRO A 272 1.27 -14.45 16.83
C PRO A 272 2.50 -14.28 15.94
N PHE A 273 2.30 -13.87 14.69
CA PHE A 273 3.41 -13.69 13.75
C PHE A 273 3.74 -12.24 13.43
N THR A 274 2.71 -11.42 13.25
CA THR A 274 2.89 -10.01 12.90
C THR A 274 3.23 -9.14 14.11
N LYS A 275 2.73 -9.54 15.27
CA LYS A 275 3.03 -8.86 16.52
C LYS A 275 2.89 -7.33 16.54
N GLU A 276 1.78 -6.83 16.01
CA GLU A 276 1.48 -5.39 16.04
C GLU A 276 0.01 -5.32 16.43
N GLY A 277 -0.26 -5.11 17.71
CA GLY A 277 -1.64 -5.02 18.18
C GLY A 277 -2.39 -4.00 17.35
N GLY A 278 -3.57 -4.38 16.86
CA GLY A 278 -4.35 -3.47 16.04
C GLY A 278 -4.46 -3.92 14.59
N MET A 279 -3.59 -4.84 14.19
CA MET A 279 -3.66 -5.37 12.84
C MET A 279 -3.39 -6.85 12.88
N LEU A 280 -3.82 -7.56 11.83
CA LEU A 280 -3.60 -9.00 11.71
C LEU A 280 -3.42 -9.32 10.23
N ALA A 281 -2.55 -10.28 9.92
CA ALA A 281 -2.37 -10.65 8.51
C ALA A 281 -3.58 -11.53 8.16
N TYR A 282 -3.88 -11.64 6.88
CA TYR A 282 -4.98 -12.49 6.46
C TYR A 282 -4.76 -13.91 6.98
N TYR A 283 -3.52 -14.41 6.93
CA TYR A 283 -3.30 -15.77 7.42
C TYR A 283 -3.52 -15.93 8.93
N GLU A 284 -3.51 -14.83 9.67
CA GLU A 284 -3.77 -14.90 11.11
C GLU A 284 -5.29 -14.90 11.32
N VAL A 285 -6.01 -14.21 10.44
CA VAL A 285 -7.47 -14.17 10.52
C VAL A 285 -8.03 -15.57 10.19
N CYS A 286 -7.37 -16.28 9.28
CA CYS A 286 -7.77 -17.64 8.89
C CYS A 286 -7.72 -18.64 10.04
N SER A 287 -6.85 -18.40 11.01
CA SER A 287 -6.72 -19.33 12.13
C SER A 287 -7.78 -19.17 13.24
N TRP A 288 -8.69 -18.21 13.07
CA TRP A 288 -9.72 -17.96 14.07
C TRP A 288 -10.86 -18.98 14.05
N LYS A 289 -10.56 -20.22 14.41
CA LYS A 289 -11.59 -21.26 14.41
C LYS A 289 -12.59 -21.01 15.55
N GLY A 290 -13.86 -21.21 15.25
CA GLY A 290 -14.89 -20.99 16.25
C GLY A 290 -15.38 -19.55 16.24
N ALA A 291 -14.85 -18.73 15.33
CA ALA A 291 -15.27 -17.34 15.25
C ALA A 291 -16.54 -17.21 14.40
N THR A 292 -17.25 -16.10 14.54
CA THR A 292 -18.47 -15.87 13.77
C THR A 292 -18.14 -14.83 12.73
N LYS A 293 -18.41 -15.17 11.47
CA LYS A 293 -18.15 -14.27 10.36
C LYS A 293 -19.43 -13.55 9.99
N GLN A 294 -19.31 -12.27 9.67
CA GLN A 294 -20.43 -11.43 9.30
C GLN A 294 -20.03 -10.54 8.13
N ARG A 295 -21.00 -10.18 7.31
CA ARG A 295 -20.79 -9.32 6.16
C ARG A 295 -21.46 -7.97 6.44
N ILE A 296 -20.73 -6.86 6.29
CA ILE A 296 -21.35 -5.55 6.49
C ILE A 296 -22.02 -5.29 5.14
N GLN A 297 -23.35 -5.42 5.12
CA GLN A 297 -24.13 -5.25 3.90
C GLN A 297 -23.94 -3.96 3.12
N ASP A 298 -23.85 -2.82 3.81
CA ASP A 298 -23.66 -1.55 3.10
C ASP A 298 -22.27 -1.42 2.50
N GLN A 299 -21.28 -1.94 3.22
CA GLN A 299 -19.88 -1.80 2.82
C GLN A 299 -19.22 -2.91 2.02
N LYS A 300 -19.94 -4.00 1.81
CA LYS A 300 -19.46 -5.14 1.02
C LYS A 300 -18.16 -5.79 1.51
N VAL A 301 -17.93 -5.78 2.81
CA VAL A 301 -16.71 -6.36 3.38
C VAL A 301 -17.05 -7.14 4.64
N PRO A 302 -16.20 -8.11 5.00
CA PRO A 302 -16.47 -8.91 6.18
C PRO A 302 -15.72 -8.54 7.46
N TYR A 303 -16.17 -9.13 8.55
CA TYR A 303 -15.51 -8.96 9.82
C TYR A 303 -15.83 -10.24 10.57
N ILE A 304 -15.00 -10.58 11.55
CA ILE A 304 -15.26 -11.76 12.35
C ILE A 304 -15.03 -11.37 13.79
N PHE A 305 -15.60 -12.14 14.71
CA PHE A 305 -15.40 -11.88 16.11
C PHE A 305 -15.43 -13.20 16.87
N ARG A 306 -14.75 -13.22 18.00
CA ARG A 306 -14.70 -14.39 18.86
C ARG A 306 -14.47 -13.81 20.25
N ASP A 307 -15.40 -14.10 21.15
CA ASP A 307 -15.33 -13.57 22.50
C ASP A 307 -15.24 -12.04 22.38
N ASN A 308 -14.26 -11.42 23.02
CA ASN A 308 -14.15 -9.97 22.94
C ASN A 308 -13.20 -9.43 21.86
N GLN A 309 -12.87 -10.23 20.86
CA GLN A 309 -11.96 -9.79 19.79
C GLN A 309 -12.77 -9.61 18.49
N TRP A 310 -12.51 -8.53 17.77
CA TRP A 310 -13.23 -8.19 16.54
C TRP A 310 -12.22 -7.74 15.48
N VAL A 311 -12.33 -8.27 14.27
CA VAL A 311 -11.42 -7.85 13.22
C VAL A 311 -12.11 -7.68 11.87
N GLY A 312 -11.90 -6.51 11.26
CA GLY A 312 -12.45 -6.19 9.96
C GLY A 312 -11.31 -6.48 9.01
N PHE A 313 -11.57 -7.24 7.95
CA PHE A 313 -10.52 -7.62 7.01
C PHE A 313 -11.11 -7.83 5.62
N ASP A 314 -10.25 -8.15 4.67
CA ASP A 314 -10.70 -8.43 3.31
C ASP A 314 -10.52 -9.91 3.03
N ASP A 315 -11.44 -10.49 2.26
CA ASP A 315 -11.37 -11.90 1.89
C ASP A 315 -11.50 -12.07 0.38
N VAL A 316 -11.52 -13.31 -0.09
CA VAL A 316 -11.63 -13.55 -1.53
C VAL A 316 -12.85 -12.85 -2.11
N GLU A 317 -13.96 -12.90 -1.38
CA GLU A 317 -15.19 -12.29 -1.85
C GLU A 317 -15.11 -10.76 -1.96
N SER A 318 -14.55 -10.09 -0.94
CA SER A 318 -14.47 -8.64 -1.02
C SER A 318 -13.45 -8.21 -2.09
N PHE A 319 -12.40 -9.00 -2.30
CA PHE A 319 -11.43 -8.66 -3.33
C PHE A 319 -12.11 -8.77 -4.71
N LYS A 320 -12.94 -9.80 -4.87
CA LYS A 320 -13.67 -9.96 -6.14
C LYS A 320 -14.61 -8.76 -6.33
N THR A 321 -15.26 -8.35 -5.26
CA THR A 321 -16.17 -7.21 -5.35
C THR A 321 -15.43 -5.94 -5.73
N LYS A 322 -14.27 -5.71 -5.11
CA LYS A 322 -13.50 -4.52 -5.40
C LYS A 322 -12.94 -4.50 -6.82
N VAL A 323 -12.61 -5.67 -7.37
CA VAL A 323 -12.11 -5.69 -8.74
C VAL A 323 -13.27 -5.38 -9.68
N SER A 324 -14.45 -5.91 -9.36
CA SER A 324 -15.63 -5.63 -10.17
C SER A 324 -15.87 -4.12 -10.14
N TYR A 325 -15.70 -3.51 -8.96
CA TYR A 325 -15.86 -2.07 -8.81
C TYR A 325 -14.84 -1.29 -9.63
N LEU A 326 -13.55 -1.63 -9.51
CA LEU A 326 -12.56 -0.87 -10.24
C LEU A 326 -12.69 -1.00 -11.75
N LYS A 327 -13.14 -2.15 -12.23
CA LYS A 327 -13.33 -2.33 -13.68
C LYS A 327 -14.45 -1.44 -14.16
N GLN A 328 -15.53 -1.35 -13.38
CA GLN A 328 -16.66 -0.51 -13.75
C GLN A 328 -16.28 0.96 -13.78
N LYS A 329 -15.29 1.33 -12.97
CA LYS A 329 -14.81 2.71 -12.90
C LYS A 329 -13.72 2.96 -13.94
N GLY A 330 -13.28 1.89 -14.60
CA GLY A 330 -12.23 2.02 -15.59
C GLY A 330 -10.85 2.30 -14.98
N LEU A 331 -10.62 1.87 -13.74
CA LEU A 331 -9.33 2.13 -13.10
C LEU A 331 -8.19 1.33 -13.73
N GLY A 332 -6.95 1.79 -13.55
CA GLY A 332 -5.80 1.12 -14.15
C GLY A 332 -5.47 -0.26 -13.60
N GLY A 333 -6.02 -0.61 -12.45
CA GLY A 333 -5.75 -1.90 -11.87
C GLY A 333 -5.85 -1.93 -10.36
N ALA A 334 -5.23 -2.92 -9.74
CA ALA A 334 -5.25 -3.05 -8.29
C ALA A 334 -3.84 -3.02 -7.73
N MET A 335 -3.73 -2.58 -6.48
CA MET A 335 -2.45 -2.54 -5.78
C MET A 335 -2.70 -3.29 -4.50
N VAL A 336 -1.68 -3.97 -3.99
CA VAL A 336 -1.90 -4.71 -2.76
C VAL A 336 -0.78 -4.60 -1.74
N TRP A 337 -1.18 -4.33 -0.51
CA TRP A 337 -0.26 -4.27 0.61
C TRP A 337 -0.74 -5.35 1.57
N ALA A 338 0.03 -6.43 1.75
CA ALA A 338 1.32 -6.67 1.11
C ALA A 338 1.44 -8.18 0.84
N LEU A 339 2.39 -8.57 0.00
CA LEU A 339 2.55 -9.99 -0.35
C LEU A 339 2.74 -10.92 0.85
N ASP A 340 3.55 -10.48 1.81
CA ASP A 340 3.86 -11.30 2.99
C ASP A 340 2.72 -11.41 4.00
N LEU A 341 1.63 -10.70 3.79
CA LEU A 341 0.47 -10.79 4.70
C LEU A 341 -0.63 -11.69 4.14
N ASP A 342 -0.56 -12.01 2.84
CA ASP A 342 -1.50 -12.95 2.21
C ASP A 342 -0.97 -14.32 2.70
N ASP A 343 -1.72 -15.40 2.48
CA ASP A 343 -1.28 -16.75 2.89
C ASP A 343 -0.35 -17.18 1.76
N PHE A 344 0.85 -16.61 1.75
CA PHE A 344 1.80 -16.82 0.67
C PHE A 344 2.39 -18.21 0.45
N ALA A 345 2.15 -19.14 1.37
CA ALA A 345 2.65 -20.51 1.21
C ALA A 345 1.48 -21.47 1.44
N GLY A 346 0.26 -20.92 1.42
CA GLY A 346 -0.98 -21.68 1.60
C GLY A 346 -1.03 -22.51 2.87
N PHE A 347 -0.34 -22.05 3.89
CA PHE A 347 -0.28 -22.82 5.12
C PHE A 347 -1.52 -22.71 6.02
N SER A 348 -1.90 -21.48 6.33
CA SER A 348 -3.00 -21.22 7.23
C SER A 348 -4.46 -21.38 6.77
N CYS A 349 -4.75 -20.95 5.55
CA CYS A 349 -6.12 -20.91 5.06
C CYS A 349 -6.67 -22.08 4.25
N ASN A 350 -5.81 -23.00 3.83
CA ASN A 350 -6.20 -24.14 3.01
C ASN A 350 -6.95 -23.70 1.75
N GLN A 351 -6.51 -22.58 1.18
CA GLN A 351 -7.09 -22.02 -0.03
C GLN A 351 -6.03 -21.91 -1.11
N GLY A 352 -4.93 -22.64 -0.92
CA GLY A 352 -3.85 -22.60 -1.90
C GLY A 352 -2.94 -21.43 -1.60
N ARG A 353 -1.89 -21.30 -2.39
CA ARG A 353 -0.92 -20.23 -2.21
C ARG A 353 -1.49 -18.86 -2.66
N TYR A 354 -1.18 -17.79 -1.93
CA TYR A 354 -1.67 -16.43 -2.27
C TYR A 354 -3.16 -16.40 -2.63
N PRO A 355 -4.02 -16.90 -1.74
CA PRO A 355 -5.45 -16.89 -2.07
C PRO A 355 -6.04 -15.51 -2.44
N LEU A 356 -5.66 -14.48 -1.70
CA LEU A 356 -6.17 -13.15 -2.02
C LEU A 356 -5.56 -12.56 -3.26
N ILE A 357 -4.24 -12.62 -3.40
CA ILE A 357 -3.65 -11.97 -4.55
C ILE A 357 -3.88 -12.75 -5.85
N GLN A 358 -4.00 -14.07 -5.75
CA GLN A 358 -4.28 -14.90 -6.92
C GLN A 358 -5.68 -14.53 -7.41
N THR A 359 -6.57 -14.24 -6.46
CA THR A 359 -7.92 -13.83 -6.80
C THR A 359 -7.82 -12.53 -7.63
N LEU A 360 -6.95 -11.60 -7.22
CA LEU A 360 -6.81 -10.38 -7.99
C LEU A 360 -6.30 -10.69 -9.40
N ARG A 361 -5.25 -11.51 -9.49
CA ARG A 361 -4.71 -11.87 -10.79
C ARG A 361 -5.79 -12.46 -11.71
N GLN A 362 -6.54 -13.43 -11.18
CA GLN A 362 -7.58 -14.05 -11.99
C GLN A 362 -8.73 -13.11 -12.36
N GLU A 363 -9.22 -12.34 -11.40
CA GLU A 363 -10.33 -11.44 -11.69
C GLU A 363 -9.92 -10.32 -12.62
N LEU A 364 -8.73 -9.78 -12.45
CA LEU A 364 -8.28 -8.70 -13.33
C LEU A 364 -8.04 -9.20 -14.75
#